data_5VXA
#
_entry.id   5VXA
#
_cell.length_a   47.780
_cell.length_b   80.370
_cell.length_c   114.460
_cell.angle_alpha   90.00
_cell.angle_beta   90.00
_cell.angle_gamma   90.00
#
_symmetry.space_group_name_H-M   'P 21 21 21'
#
loop_
_entity.id
_entity.type
_entity.pdbx_description
1 polymer "Guanosine-3',5'-bis(diphosphate) 3'-pyrophosphohydrolase MESH1"
2 non-polymer 'ZINC ION'
3 non-polymer 'NADPH DIHYDRO-NICOTINAMIDE-ADENINE-DINUCLEOTIDE PHOSPHATE'
4 non-polymer 1,2-ETHANEDIOL
5 non-polymer BETA-MERCAPTOETHANOL
6 non-polymer 'SODIUM ION'
7 non-polymer 2-AMINO-2-HYDROXYMETHYL-PROPANE-1,3-DIOL
8 water water
#
_entity_poly.entity_id   1
_entity_poly.type   'polypeptide(L)'
_entity_poly.pdbx_seq_one_letter_code
;HMGSEAAQLLEAADFAARKHRQQRRKDPEGTPYINHPIGVARILTHEAGITDIVVLQAALLHDTVEKTDTTLDEVELHFG
AQVRRLVEEVTDDKTLPKLERKRLQVEQAPHSSPGAKLVKLADKLYNLRDLNRCTPEGWSEHRVQEYFEWAAQVVKGLQG
TNRQLEEALKHLFKQRGLTI
;
_entity_poly.pdbx_strand_id   A,B
#
loop_
_chem_comp.id
_chem_comp.type
_chem_comp.name
_chem_comp.formula
BME non-polymer BETA-MERCAPTOETHANOL 'C2 H6 O S'
EDO non-polymer 1,2-ETHANEDIOL 'C2 H6 O2'
NA non-polymer 'SODIUM ION' 'Na 1'
NDP non-polymer 'NADPH DIHYDRO-NICOTINAMIDE-ADENINE-DINUCLEOTIDE PHOSPHATE' 'C21 H30 N7 O17 P3'
TRS non-polymer 2-AMINO-2-HYDROXYMETHYL-PROPANE-1,3-DIOL 'C4 H12 N O3 1'
ZN non-polymer 'ZINC ION' 'Zn 2'
#
# COMPACT_ATOMS: atom_id res chain seq x y z
N GLY A 3 9.90 14.40 7.20
CA GLY A 3 10.26 13.49 8.27
C GLY A 3 11.25 12.43 7.82
N SER A 4 11.12 11.22 8.37
CA SER A 4 12.00 10.14 7.97
C SER A 4 11.61 9.62 6.59
N GLU A 5 12.53 8.83 6.00
CA GLU A 5 12.22 8.15 4.74
C GLU A 5 10.90 7.41 4.86
N ALA A 6 10.74 6.66 5.95
CA ALA A 6 9.54 5.84 6.14
C ALA A 6 8.29 6.70 6.14
N ALA A 7 8.29 7.77 6.94
CA ALA A 7 7.12 8.64 7.01
C ALA A 7 6.77 9.20 5.64
N GLN A 8 7.79 9.62 4.88
CA GLN A 8 7.55 10.16 3.55
C GLN A 8 6.95 9.12 2.63
N LEU A 9 7.44 7.87 2.70
CA LEU A 9 6.86 6.81 1.88
C LEU A 9 5.41 6.53 2.29
N LEU A 10 5.14 6.46 3.59
CA LEU A 10 3.77 6.19 4.00
C LEU A 10 2.82 7.33 3.66
N GLU A 11 3.31 8.58 3.61
CA GLU A 11 2.46 9.66 3.11
C GLU A 11 2.01 9.38 1.69
N ALA A 12 2.96 8.97 0.83
CA ALA A 12 2.61 8.71 -0.56
C ALA A 12 1.79 7.43 -0.71
N ALA A 13 2.14 6.37 0.04
CA ALA A 13 1.38 5.13 -0.05
C ALA A 13 -0.07 5.33 0.39
N ASP A 14 -0.27 6.04 1.52
CA ASP A 14 -1.62 6.26 2.02
C ASP A 14 -2.42 7.15 1.09
N PHE A 15 -1.77 8.18 0.54
CA PHE A 15 -2.42 9.04 -0.45
C PHE A 15 -2.87 8.23 -1.66
N ALA A 16 -1.98 7.42 -2.22
CA ALA A 16 -2.34 6.64 -3.40
C ALA A 16 -3.42 5.60 -3.08
N ALA A 17 -3.31 4.94 -1.92
CA ALA A 17 -4.32 3.98 -1.51
C ALA A 17 -5.71 4.61 -1.49
N ARG A 18 -5.81 5.81 -0.93
CA ARG A 18 -7.12 6.48 -0.87
C ARG A 18 -7.60 6.86 -2.26
N LYS A 19 -6.70 7.39 -3.11
CA LYS A 19 -7.12 7.82 -4.44
C LYS A 19 -7.55 6.62 -5.29
N HIS A 20 -6.91 5.48 -5.13
CA HIS A 20 -7.18 4.30 -5.94
C HIS A 20 -8.22 3.36 -5.30
N ARG A 21 -8.86 3.79 -4.20
CA ARG A 21 -9.57 2.83 -3.35
C ARG A 21 -10.69 2.12 -4.09
N GLN A 22 -11.34 2.78 -5.04
CA GLN A 22 -12.44 2.14 -5.78
C GLN A 22 -11.99 1.44 -7.06
N GLN A 23 -10.70 1.41 -7.34
CA GLN A 23 -10.23 0.88 -8.61
C GLN A 23 -9.61 -0.50 -8.44
N ARG A 24 -9.71 -1.28 -9.50
CA ARG A 24 -9.26 -2.66 -9.55
C ARG A 24 -8.48 -2.87 -10.84
N ARG A 25 -7.52 -3.79 -10.80
CA ARG A 25 -6.80 -4.22 -11.98
C ARG A 25 -7.71 -5.08 -12.86
N LYS A 26 -7.25 -5.39 -14.06
CA LYS A 26 -8.06 -6.13 -15.03
C LYS A 26 -7.84 -7.63 -14.99
N ASP A 27 -7.08 -8.14 -14.01
CA ASP A 27 -6.99 -9.59 -13.85
C ASP A 27 -8.37 -10.13 -13.47
N PRO A 28 -8.61 -11.42 -13.70
CA PRO A 28 -9.96 -11.97 -13.41
C PRO A 28 -10.42 -11.74 -11.99
N GLU A 29 -9.51 -11.79 -11.01
N GLU A 29 -9.52 -11.79 -11.02
CA GLU A 29 -9.87 -11.58 -9.61
CA GLU A 29 -9.93 -11.58 -9.64
C GLU A 29 -10.13 -10.11 -9.28
C GLU A 29 -10.06 -10.11 -9.26
N GLY A 30 -9.77 -9.19 -10.17
CA GLY A 30 -9.95 -7.77 -9.88
C GLY A 30 -9.14 -7.28 -8.69
N THR A 31 -7.84 -7.52 -8.73
CA THR A 31 -6.97 -7.12 -7.64
C THR A 31 -7.10 -5.63 -7.35
N PRO A 32 -7.08 -5.21 -6.08
CA PRO A 32 -7.09 -3.77 -5.79
C PRO A 32 -5.99 -3.05 -6.55
N TYR A 33 -6.34 -1.89 -7.12
CA TYR A 33 -5.40 -1.20 -8.00
C TYR A 33 -4.14 -0.77 -7.25
N ILE A 34 -4.27 -0.41 -5.97
CA ILE A 34 -3.12 0.05 -5.18
C ILE A 34 -1.99 -0.97 -5.16
N ASN A 35 -2.30 -2.26 -5.34
CA ASN A 35 -1.23 -3.27 -5.38
C ASN A 35 -0.21 -2.97 -6.50
N HIS A 36 -0.66 -2.38 -7.62
CA HIS A 36 0.26 -2.09 -8.72
C HIS A 36 1.25 -1.00 -8.33
N PRO A 37 0.86 0.20 -7.92
CA PRO A 37 1.88 1.20 -7.55
C PRO A 37 2.80 0.73 -6.46
N ILE A 38 2.28 0.00 -5.47
CA ILE A 38 3.13 -0.54 -4.42
C ILE A 38 4.16 -1.49 -5.01
N GLY A 39 3.70 -2.40 -5.89
CA GLY A 39 4.61 -3.34 -6.52
C GLY A 39 5.65 -2.67 -7.41
N VAL A 40 5.26 -1.64 -8.15
CA VAL A 40 6.23 -0.88 -8.96
C VAL A 40 7.31 -0.28 -8.07
N ALA A 41 6.90 0.35 -6.96
CA ALA A 41 7.88 0.94 -6.05
C ALA A 41 8.75 -0.13 -5.40
N ARG A 42 8.18 -1.29 -5.07
CA ARG A 42 9.02 -2.35 -4.48
C ARG A 42 10.01 -2.89 -5.50
N ILE A 43 9.62 -2.99 -6.77
CA ILE A 43 10.59 -3.36 -7.80
C ILE A 43 11.79 -2.43 -7.73
N LEU A 44 11.54 -1.13 -7.50
CA LEU A 44 12.63 -0.16 -7.54
C LEU A 44 13.57 -0.33 -6.36
N THR A 45 13.05 -0.67 -5.17
CA THR A 45 13.96 -0.90 -4.03
C THR A 45 14.54 -2.30 -4.04
N HIS A 46 13.74 -3.32 -4.32
CA HIS A 46 14.18 -4.70 -4.15
C HIS A 46 15.06 -5.17 -5.30
N GLU A 47 14.80 -4.68 -6.53
CA GLU A 47 15.53 -5.14 -7.70
C GLU A 47 16.46 -4.08 -8.28
N ALA A 48 16.07 -2.82 -8.25
CA ALA A 48 16.89 -1.79 -8.89
C ALA A 48 17.83 -1.10 -7.92
N GLY A 49 17.70 -1.33 -6.62
CA GLY A 49 18.59 -0.70 -5.65
C GLY A 49 18.34 0.77 -5.42
N ILE A 50 17.14 1.26 -5.76
CA ILE A 50 16.83 2.68 -5.68
C ILE A 50 16.51 3.06 -4.25
N THR A 51 17.06 4.20 -3.81
CA THR A 51 16.78 4.76 -2.49
C THR A 51 16.29 6.22 -2.55
N ASP A 52 16.33 6.86 -3.71
CA ASP A 52 15.85 8.22 -3.89
C ASP A 52 14.36 8.31 -3.53
N ILE A 53 14.05 8.99 -2.43
N ILE A 53 14.04 8.98 -2.43
CA ILE A 53 12.67 9.06 -1.93
CA ILE A 53 12.65 9.01 -1.97
C ILE A 53 11.75 9.76 -2.94
C ILE A 53 11.75 9.73 -2.97
N VAL A 54 12.28 10.71 -3.71
CA VAL A 54 11.46 11.39 -4.72
C VAL A 54 11.03 10.41 -5.81
N VAL A 55 11.95 9.58 -6.27
CA VAL A 55 11.61 8.56 -7.25
C VAL A 55 10.61 7.56 -6.66
N LEU A 56 10.83 7.12 -5.42
CA LEU A 56 9.95 6.09 -4.84
C LEU A 56 8.55 6.65 -4.57
N GLN A 57 8.47 7.89 -4.08
CA GLN A 57 7.16 8.54 -3.95
C GLN A 57 6.47 8.64 -5.29
N ALA A 58 7.21 9.07 -6.32
CA ALA A 58 6.62 9.18 -7.66
C ALA A 58 6.09 7.85 -8.16
N ALA A 59 6.79 6.75 -7.86
CA ALA A 59 6.34 5.41 -8.25
C ALA A 59 5.03 5.03 -7.56
N LEU A 60 4.91 5.33 -6.26
CA LEU A 60 3.66 5.06 -5.57
C LEU A 60 2.52 5.89 -6.16
N LEU A 61 2.82 7.11 -6.63
CA LEU A 61 1.82 8.05 -7.13
C LEU A 61 1.68 8.09 -8.63
N HIS A 62 2.39 7.24 -9.38
CA HIS A 62 2.54 7.48 -10.81
C HIS A 62 1.22 7.35 -11.56
N ASP A 63 0.20 6.73 -10.98
CA ASP A 63 -1.07 6.55 -11.65
C ASP A 63 -2.19 7.41 -11.07
N THR A 64 -1.92 8.20 -10.04
CA THR A 64 -3.00 8.97 -9.40
C THR A 64 -3.56 10.02 -10.33
N VAL A 65 -2.69 10.78 -11.01
CA VAL A 65 -3.21 11.82 -11.87
C VAL A 65 -3.83 11.22 -13.12
N GLU A 66 -3.16 10.24 -13.72
CA GLU A 66 -3.69 9.61 -14.93
C GLU A 66 -5.06 8.97 -14.69
N LYS A 67 -5.28 8.35 -13.54
CA LYS A 67 -6.42 7.44 -13.38
C LYS A 67 -7.49 7.93 -12.43
N THR A 68 -7.24 9.00 -11.68
CA THR A 68 -8.21 9.50 -10.72
C THR A 68 -8.36 11.00 -10.92
N ASP A 69 -9.19 11.61 -10.08
CA ASP A 69 -9.44 13.05 -10.18
C ASP A 69 -8.27 13.89 -9.67
N THR A 70 -7.29 13.27 -9.03
CA THR A 70 -6.10 13.98 -8.53
C THR A 70 -5.52 14.86 -9.62
N THR A 71 -5.16 16.10 -9.25
CA THR A 71 -4.52 17.05 -10.14
C THR A 71 -3.02 17.09 -9.86
N LEU A 72 -2.28 17.55 -10.87
CA LEU A 72 -0.83 17.74 -10.70
C LEU A 72 -0.53 18.75 -9.61
N ASP A 73 -1.35 19.80 -9.50
CA ASP A 73 -1.14 20.75 -8.42
C ASP A 73 -1.35 20.10 -7.06
N GLU A 74 -2.32 19.18 -6.97
CA GLU A 74 -2.52 18.50 -5.70
C GLU A 74 -1.31 17.65 -5.33
N VAL A 75 -0.71 16.97 -6.32
CA VAL A 75 0.53 16.24 -6.05
C VAL A 75 1.60 17.18 -5.51
N GLU A 76 1.82 18.31 -6.18
CA GLU A 76 2.85 19.24 -5.73
C GLU A 76 2.53 19.77 -4.34
N LEU A 77 1.26 20.07 -4.10
CA LEU A 77 0.84 20.60 -2.80
C LEU A 77 1.29 19.70 -1.66
N HIS A 78 1.11 18.39 -1.80
CA HIS A 78 1.46 17.48 -0.72
C HIS A 78 2.87 16.91 -0.83
N PHE A 79 3.48 16.94 -2.01
CA PHE A 79 4.71 16.21 -2.21
C PHE A 79 5.82 17.03 -2.86
N GLY A 80 5.58 18.27 -3.22
CA GLY A 80 6.62 19.12 -3.75
C GLY A 80 6.78 18.99 -5.26
N ALA A 81 7.66 19.84 -5.78
CA ALA A 81 7.73 20.07 -7.21
C ALA A 81 8.54 19.00 -7.94
N GLN A 82 9.52 18.37 -7.29
CA GLN A 82 10.26 17.34 -7.99
C GLN A 82 9.42 16.08 -8.15
N VAL A 83 8.62 15.74 -7.13
CA VAL A 83 7.69 14.64 -7.28
C VAL A 83 6.64 14.97 -8.35
N ARG A 84 6.08 16.18 -8.28
CA ARG A 84 5.08 16.57 -9.28
C ARG A 84 5.63 16.46 -10.69
N ARG A 85 6.88 16.89 -10.90
CA ARG A 85 7.44 16.86 -12.26
C ARG A 85 7.65 15.43 -12.74
N LEU A 86 8.12 14.54 -11.86
CA LEU A 86 8.18 13.12 -12.21
C LEU A 86 6.80 12.58 -12.59
N VAL A 87 5.79 12.80 -11.73
CA VAL A 87 4.47 12.24 -11.99
C VAL A 87 3.92 12.73 -13.31
N GLU A 88 4.07 14.03 -13.59
CA GLU A 88 3.66 14.60 -14.86
C GLU A 88 4.33 13.90 -16.04
N GLU A 89 5.62 13.59 -15.91
CA GLU A 89 6.33 12.93 -16.99
C GLU A 89 5.74 11.55 -17.31
N VAL A 90 5.20 10.85 -16.32
CA VAL A 90 4.70 9.50 -16.54
C VAL A 90 3.18 9.48 -16.67
N THR A 91 2.54 10.63 -16.82
CA THR A 91 1.10 10.73 -16.89
C THR A 91 0.67 10.87 -18.34
N ASP A 92 -0.04 9.87 -18.87
CA ASP A 92 -0.60 9.97 -20.21
C ASP A 92 -1.59 11.12 -20.31
N ASP A 93 -1.63 11.74 -21.47
CA ASP A 93 -2.61 12.78 -21.77
C ASP A 93 -3.93 12.11 -22.16
N LYS A 94 -4.81 11.89 -21.17
CA LYS A 94 -6.04 11.16 -21.40
C LYS A 94 -7.00 11.90 -22.33
N THR A 95 -6.67 13.14 -22.71
CA THR A 95 -7.37 13.89 -23.74
C THR A 95 -7.08 13.37 -25.15
N LEU A 96 -6.24 12.34 -25.27
N LEU A 96 -6.25 12.33 -25.28
CA LEU A 96 -5.79 11.85 -26.58
CA LEU A 96 -5.81 11.85 -26.58
C LEU A 96 -6.34 10.45 -26.87
C LEU A 96 -6.34 10.45 -26.86
N PRO A 97 -6.49 10.08 -28.14
CA PRO A 97 -6.92 8.71 -28.46
C PRO A 97 -5.89 7.70 -27.98
N LYS A 98 -6.37 6.48 -27.74
CA LYS A 98 -5.53 5.44 -27.14
C LYS A 98 -4.30 5.18 -27.98
N LEU A 99 -4.45 5.06 -29.30
CA LEU A 99 -3.29 4.71 -30.11
C LEU A 99 -2.24 5.81 -30.10
N GLU A 100 -2.66 7.08 -30.05
CA GLU A 100 -1.68 8.16 -29.94
C GLU A 100 -0.98 8.16 -28.59
N ARG A 101 -1.68 7.76 -27.52
CA ARG A 101 -1.00 7.61 -26.24
C ARG A 101 0.00 6.46 -26.29
N LYS A 102 -0.38 5.33 -26.91
CA LYS A 102 0.56 4.23 -27.08
C LYS A 102 1.78 4.67 -27.89
N ARG A 103 1.56 5.49 -28.94
CA ARG A 103 2.67 5.89 -29.80
C ARG A 103 3.56 6.92 -29.12
N LEU A 104 2.96 7.86 -28.39
CA LEU A 104 3.76 8.87 -27.67
C LEU A 104 4.65 8.25 -26.59
N GLN A 105 4.25 7.14 -25.97
CA GLN A 105 5.16 6.48 -25.03
C GLN A 105 6.43 6.00 -25.73
N VAL A 106 6.29 5.50 -26.96
CA VAL A 106 7.47 5.11 -27.71
C VAL A 106 8.28 6.35 -28.06
N GLU A 107 7.62 7.40 -28.55
CA GLU A 107 8.33 8.59 -29.03
C GLU A 107 9.02 9.33 -27.90
N GLN A 108 8.38 9.42 -26.73
CA GLN A 108 8.89 10.26 -25.64
C GLN A 108 9.73 9.50 -24.64
N ALA A 109 9.94 8.21 -24.82
CA ALA A 109 10.77 7.45 -23.88
C ALA A 109 12.20 7.96 -23.81
N PRO A 110 12.92 8.17 -24.92
CA PRO A 110 14.33 8.59 -24.79
C PRO A 110 14.50 9.94 -24.12
N HIS A 111 13.51 10.82 -24.20
CA HIS A 111 13.67 12.21 -23.78
C HIS A 111 13.26 12.45 -22.34
N SER A 112 12.88 11.41 -21.60
N SER A 112 12.87 11.42 -21.59
CA SER A 112 12.44 11.57 -20.22
CA SER A 112 12.43 11.59 -20.22
C SER A 112 13.64 11.68 -19.28
C SER A 112 13.62 11.65 -19.27
N SER A 113 13.40 12.29 -18.11
CA SER A 113 14.42 12.40 -17.08
C SER A 113 14.85 11.02 -16.59
N PRO A 114 16.03 10.92 -15.97
CA PRO A 114 16.43 9.63 -15.40
C PRO A 114 15.45 9.07 -14.38
N GLY A 115 14.85 9.91 -13.54
CA GLY A 115 13.90 9.42 -12.57
C GLY A 115 12.63 8.88 -13.24
N ALA A 116 12.17 9.56 -14.28
CA ALA A 116 10.98 9.09 -14.99
C ALA A 116 11.26 7.79 -15.74
N LYS A 117 12.48 7.62 -16.25
CA LYS A 117 12.85 6.35 -16.89
C LYS A 117 12.83 5.19 -15.90
N LEU A 118 13.26 5.44 -14.66
CA LEU A 118 13.21 4.39 -13.65
C LEU A 118 11.77 3.96 -13.38
N VAL A 119 10.87 4.92 -13.21
CA VAL A 119 9.49 4.58 -12.95
C VAL A 119 8.89 3.88 -14.16
N LYS A 120 9.17 4.38 -15.37
CA LYS A 120 8.62 3.77 -16.58
C LYS A 120 9.12 2.34 -16.74
N LEU A 121 10.39 2.09 -16.45
CA LEU A 121 10.95 0.74 -16.55
C LEU A 121 10.27 -0.21 -15.57
N ALA A 122 10.17 0.19 -14.30
CA ALA A 122 9.56 -0.66 -13.28
C ALA A 122 8.07 -0.89 -13.56
N ASP A 123 7.38 0.13 -14.08
CA ASP A 123 5.96 0.00 -14.42
C ASP A 123 5.77 -1.05 -15.52
N LYS A 124 6.57 -0.96 -16.59
CA LYS A 124 6.53 -2.00 -17.62
C LYS A 124 6.85 -3.36 -17.04
N LEU A 125 7.85 -3.45 -16.17
CA LEU A 125 8.25 -4.75 -15.65
C LEU A 125 7.12 -5.37 -14.84
N TYR A 126 6.46 -4.59 -13.98
CA TYR A 126 5.31 -5.11 -13.26
C TYR A 126 4.21 -5.58 -14.20
N ASN A 127 3.87 -4.79 -15.23
CA ASN A 127 2.71 -5.14 -16.05
C ASN A 127 2.98 -6.39 -16.88
N LEU A 128 4.20 -6.53 -17.39
CA LEU A 128 4.56 -7.71 -18.18
C LEU A 128 4.55 -8.97 -17.31
N ARG A 129 5.09 -8.88 -16.09
CA ARG A 129 4.96 -10.00 -15.16
C ARG A 129 3.50 -10.34 -14.89
N ASP A 130 2.67 -9.32 -14.70
CA ASP A 130 1.23 -9.54 -14.47
C ASP A 130 0.60 -10.26 -15.65
N LEU A 131 0.90 -9.82 -16.88
CA LEU A 131 0.33 -10.47 -18.05
C LEU A 131 0.76 -11.92 -18.15
N ASN A 132 2.03 -12.22 -17.84
CA ASN A 132 2.48 -13.61 -17.83
C ASN A 132 1.75 -14.40 -16.77
N ARG A 133 1.54 -13.80 -15.59
CA ARG A 133 0.86 -14.49 -14.50
C ARG A 133 -0.58 -14.82 -14.86
N CYS A 134 -1.29 -13.86 -15.44
CA CYS A 134 -2.74 -13.98 -15.64
C CYS A 134 -3.14 -13.16 -16.85
N THR A 135 -3.64 -13.81 -17.89
CA THR A 135 -4.22 -13.06 -19.01
C THR A 135 -5.40 -12.24 -18.51
N PRO A 136 -5.43 -10.94 -18.76
CA PRO A 136 -6.53 -10.12 -18.24
C PRO A 136 -7.87 -10.60 -18.77
N GLU A 137 -8.91 -10.30 -18.00
CA GLU A 137 -10.28 -10.63 -18.36
C GLU A 137 -10.61 -10.10 -19.75
N GLY A 138 -11.07 -10.99 -20.62
CA GLY A 138 -11.46 -10.59 -21.96
C GLY A 138 -10.35 -10.50 -22.98
N TRP A 139 -9.11 -10.81 -22.60
CA TRP A 139 -8.00 -10.75 -23.54
C TRP A 139 -7.74 -12.10 -24.17
N SER A 140 -7.33 -12.06 -25.44
CA SER A 140 -6.81 -13.24 -26.12
C SER A 140 -5.31 -13.32 -25.89
N GLU A 141 -4.77 -14.52 -26.14
CA GLU A 141 -3.33 -14.74 -26.00
C GLU A 141 -2.52 -13.88 -26.96
N HIS A 142 -3.05 -13.55 -28.14
CA HIS A 142 -2.26 -12.75 -29.05
C HIS A 142 -2.34 -11.27 -28.70
N ARG A 143 -3.38 -10.85 -28.00
CA ARG A 143 -3.38 -9.48 -27.47
C ARG A 143 -2.29 -9.30 -26.42
N VAL A 144 -2.05 -10.34 -25.60
CA VAL A 144 -0.93 -10.30 -24.65
C VAL A 144 0.40 -10.15 -25.39
N GLN A 145 0.62 -10.97 -26.43
CA GLN A 145 1.88 -10.92 -27.16
C GLN A 145 2.15 -9.53 -27.70
N GLU A 146 1.11 -8.88 -28.21
CA GLU A 146 1.19 -7.55 -28.82
C GLU A 146 1.48 -6.48 -27.78
N TYR A 147 0.91 -6.62 -26.60
CA TYR A 147 1.33 -5.76 -25.52
C TYR A 147 2.84 -5.86 -25.33
N PHE A 148 3.38 -7.09 -25.30
CA PHE A 148 4.84 -7.26 -25.21
C PHE A 148 5.56 -6.59 -26.38
N GLU A 149 5.01 -6.73 -27.58
CA GLU A 149 5.63 -6.12 -28.76
C GLU A 149 5.67 -4.61 -28.64
N TRP A 150 4.61 -4.00 -28.13
CA TRP A 150 4.62 -2.55 -27.91
C TRP A 150 5.54 -2.16 -26.76
N ALA A 151 5.47 -2.89 -25.64
CA ALA A 151 6.33 -2.56 -24.51
C ALA A 151 7.81 -2.62 -24.90
N ALA A 152 8.18 -3.56 -25.77
CA ALA A 152 9.57 -3.63 -26.24
C ALA A 152 9.97 -2.35 -26.95
N GLN A 153 9.07 -1.78 -27.74
N GLN A 153 9.07 -1.78 -27.74
CA GLN A 153 9.39 -0.53 -28.43
CA GLN A 153 9.37 -0.53 -28.43
C GLN A 153 9.57 0.63 -27.46
C GLN A 153 9.58 0.62 -27.45
N VAL A 154 8.81 0.64 -26.36
CA VAL A 154 8.98 1.69 -25.35
C VAL A 154 10.30 1.50 -24.61
N VAL A 155 10.55 0.27 -24.13
CA VAL A 155 11.72 0.00 -23.31
C VAL A 155 12.99 0.24 -24.11
N LYS A 156 12.96 -0.03 -25.41
CA LYS A 156 14.10 0.31 -26.27
C LYS A 156 14.58 1.73 -26.02
N GLY A 157 13.65 2.67 -25.87
CA GLY A 157 14.01 4.04 -25.57
C GLY A 157 14.40 4.36 -24.14
N LEU A 158 14.37 3.37 -23.23
CA LEU A 158 14.65 3.61 -21.82
C LEU A 158 16.00 3.07 -21.38
N GLN A 159 16.80 2.52 -22.29
CA GLN A 159 18.02 1.87 -21.86
C GLN A 159 19.05 2.88 -21.33
N GLY A 160 20.10 2.35 -20.70
CA GLY A 160 21.09 3.16 -20.03
C GLY A 160 20.65 3.76 -18.73
N THR A 161 19.55 3.27 -18.15
CA THR A 161 19.06 3.82 -16.89
C THR A 161 19.34 2.92 -15.70
N ASN A 162 19.17 1.60 -15.83
CA ASN A 162 19.37 0.68 -14.70
C ASN A 162 19.53 -0.72 -15.26
N ARG A 163 20.68 -1.33 -14.99
CA ARG A 163 20.99 -2.63 -15.59
C ARG A 163 20.09 -3.73 -15.05
N GLN A 164 19.74 -3.68 -13.77
CA GLN A 164 18.94 -4.75 -13.19
C GLN A 164 17.55 -4.81 -13.82
N LEU A 165 16.89 -3.66 -13.97
CA LEU A 165 15.56 -3.67 -14.58
C LEU A 165 15.64 -4.04 -16.06
N GLU A 166 16.59 -3.47 -16.79
CA GLU A 166 16.72 -3.75 -18.22
C GLU A 166 17.05 -5.22 -18.46
N GLU A 167 17.91 -5.80 -17.63
CA GLU A 167 18.20 -7.22 -17.80
C GLU A 167 16.96 -8.07 -17.55
N ALA A 168 16.16 -7.72 -16.53
CA ALA A 168 14.94 -8.46 -16.28
C ALA A 168 13.95 -8.33 -17.43
N LEU A 169 13.82 -7.12 -17.98
CA LEU A 169 12.92 -6.93 -19.11
C LEU A 169 13.41 -7.69 -20.33
N LYS A 170 14.73 -7.67 -20.58
CA LYS A 170 15.28 -8.40 -21.72
C LYS A 170 14.95 -9.89 -21.62
N HIS A 171 15.01 -10.44 -20.42
CA HIS A 171 14.71 -11.86 -20.25
C HIS A 171 13.25 -12.16 -20.60
N LEU A 172 12.32 -11.31 -20.14
CA LEU A 172 10.91 -11.53 -20.47
C LEU A 172 10.68 -11.37 -21.97
N PHE A 173 11.26 -10.33 -22.57
CA PHE A 173 11.08 -10.14 -24.01
C PHE A 173 11.63 -11.31 -24.80
N LYS A 174 12.82 -11.78 -24.42
CA LYS A 174 13.43 -12.90 -25.15
C LYS A 174 12.57 -14.15 -25.06
N GLN A 175 11.97 -14.41 -23.90
CA GLN A 175 11.11 -15.58 -23.74
C GLN A 175 9.93 -15.57 -24.70
N ARG A 176 9.54 -14.41 -25.22
CA ARG A 176 8.48 -14.34 -26.22
C ARG A 176 9.00 -13.96 -27.59
N GLY A 177 10.29 -14.18 -27.84
CA GLY A 177 10.86 -13.96 -29.17
C GLY A 177 11.09 -12.51 -29.52
N LEU A 178 11.30 -11.65 -28.54
N LEU A 178 11.27 -11.65 -28.54
CA LEU A 178 11.50 -10.23 -28.77
CA LEU A 178 11.51 -10.23 -28.75
C LEU A 178 12.86 -9.83 -28.22
C LEU A 178 12.91 -9.88 -28.25
N THR A 179 13.53 -8.90 -28.90
CA THR A 179 14.88 -8.48 -28.53
C THR A 179 14.91 -7.00 -28.20
N ILE A 180 15.58 -6.68 -27.08
CA ILE A 180 15.90 -5.30 -26.67
C ILE A 180 14.65 -4.43 -26.60
N GLY B 3 17.85 -3.35 3.19
CA GLY B 3 19.09 -2.61 3.35
C GLY B 3 18.87 -1.20 3.90
N SER B 4 17.96 -0.48 3.25
CA SER B 4 17.59 0.87 3.65
C SER B 4 16.20 0.89 4.27
N GLU B 5 15.91 1.98 4.94
CA GLU B 5 14.59 2.18 5.53
C GLU B 5 13.49 2.15 4.48
N ALA B 6 13.76 2.74 3.31
CA ALA B 6 12.75 2.73 2.25
C ALA B 6 12.48 1.31 1.79
N ALA B 7 13.54 0.56 1.47
CA ALA B 7 13.39 -0.83 1.04
C ALA B 7 12.65 -1.66 2.09
N GLN B 8 12.96 -1.46 3.36
CA GLN B 8 12.33 -2.27 4.39
C GLN B 8 10.83 -1.98 4.48
N LEU B 9 10.45 -0.72 4.35
N LEU B 9 10.45 -0.73 4.36
CA LEU B 9 9.05 -0.37 4.43
CA LEU B 9 9.05 -0.36 4.42
C LEU B 9 8.27 -0.90 3.23
C LEU B 9 8.29 -0.92 3.23
N LEU B 10 8.85 -0.77 2.03
CA LEU B 10 8.19 -1.30 0.84
C LEU B 10 8.12 -2.83 0.85
N GLU B 11 9.09 -3.52 1.48
CA GLU B 11 8.96 -4.98 1.58
C GLU B 11 7.72 -5.37 2.36
N ALA B 12 7.48 -4.70 3.48
CA ALA B 12 6.32 -4.99 4.30
C ALA B 12 5.03 -4.58 3.60
N ALA B 13 5.00 -3.38 3.02
CA ALA B 13 3.80 -2.92 2.33
C ALA B 13 3.42 -3.86 1.18
N ASP B 14 4.40 -4.30 0.41
CA ASP B 14 4.10 -5.17 -0.74
C ASP B 14 3.66 -6.55 -0.28
N PHE B 15 4.31 -7.10 0.75
CA PHE B 15 3.94 -8.39 1.32
C PHE B 15 2.49 -8.35 1.82
N ALA B 16 2.15 -7.30 2.57
CA ALA B 16 0.79 -7.16 3.09
C ALA B 16 -0.23 -6.96 1.98
N ALA B 17 0.10 -6.13 0.98
CA ALA B 17 -0.84 -5.93 -0.13
C ALA B 17 -1.14 -7.24 -0.84
N ARG B 18 -0.12 -8.05 -1.08
CA ARG B 18 -0.32 -9.35 -1.72
C ARG B 18 -1.15 -10.30 -0.83
N LYS B 19 -0.84 -10.37 0.47
CA LYS B 19 -1.59 -11.27 1.36
C LYS B 19 -3.06 -10.87 1.47
N HIS B 20 -3.36 -9.57 1.49
CA HIS B 20 -4.73 -9.07 1.68
C HIS B 20 -5.49 -8.86 0.35
N ARG B 21 -4.97 -9.35 -0.78
CA ARG B 21 -5.46 -8.90 -2.08
C ARG B 21 -6.93 -9.29 -2.33
N GLN B 22 -7.42 -10.36 -1.71
N GLN B 22 -7.40 -10.37 -1.71
CA GLN B 22 -8.80 -10.76 -1.95
CA GLN B 22 -8.77 -10.82 -1.89
C GLN B 22 -9.76 -10.23 -0.88
C GLN B 22 -9.69 -10.38 -0.77
N GLN B 23 -9.28 -9.43 0.06
CA GLN B 23 -10.11 -9.00 1.19
C GLN B 23 -10.47 -7.53 1.09
N ARG B 24 -11.67 -7.23 1.59
CA ARG B 24 -12.23 -5.88 1.64
C ARG B 24 -12.75 -5.63 3.04
N ARG B 25 -12.94 -4.34 3.34
CA ARG B 25 -13.47 -3.87 4.61
C ARG B 25 -14.99 -4.00 4.60
N LYS B 26 -15.60 -3.72 5.74
CA LYS B 26 -17.05 -3.81 5.86
C LYS B 26 -17.83 -2.55 5.49
N ASP B 27 -17.16 -1.53 4.96
CA ASP B 27 -17.88 -0.32 4.57
C ASP B 27 -18.69 -0.57 3.30
N PRO B 28 -19.72 0.26 3.04
CA PRO B 28 -20.51 0.07 1.81
C PRO B 28 -19.70 0.05 0.53
N GLU B 29 -18.60 0.80 0.41
CA GLU B 29 -17.85 0.71 -0.84
C GLU B 29 -16.97 -0.53 -0.92
N GLY B 30 -16.85 -1.30 0.16
CA GLY B 30 -15.95 -2.45 0.13
C GLY B 30 -14.51 -2.05 -0.17
N THR B 31 -13.95 -1.16 0.65
CA THR B 31 -12.59 -0.68 0.44
C THR B 31 -11.58 -1.82 0.51
N PRO B 32 -10.55 -1.84 -0.34
CA PRO B 32 -9.51 -2.87 -0.23
C PRO B 32 -8.97 -2.94 1.19
N TYR B 33 -8.82 -4.17 1.70
CA TYR B 33 -8.43 -4.29 3.10
C TYR B 33 -7.05 -3.68 3.34
N ILE B 34 -6.16 -3.72 2.35
CA ILE B 34 -4.81 -3.17 2.51
C ILE B 34 -4.83 -1.69 2.88
N ASN B 35 -5.90 -0.96 2.57
CA ASN B 35 -5.96 0.43 3.00
C ASN B 35 -5.85 0.53 4.53
N HIS B 36 -6.32 -0.49 5.24
CA HIS B 36 -6.31 -0.41 6.70
C HIS B 36 -4.91 -0.54 7.30
N PRO B 37 -4.11 -1.58 7.02
CA PRO B 37 -2.74 -1.56 7.57
C PRO B 37 -1.91 -0.37 7.13
N ILE B 38 -2.06 0.10 5.88
CA ILE B 38 -1.34 1.28 5.43
C ILE B 38 -1.73 2.49 6.28
N GLY B 39 -3.03 2.68 6.47
CA GLY B 39 -3.49 3.80 7.27
C GLY B 39 -3.05 3.72 8.71
N VAL B 40 -2.94 2.51 9.26
CA VAL B 40 -2.50 2.34 10.64
C VAL B 40 -1.02 2.72 10.77
N ALA B 41 -0.20 2.20 9.85
CA ALA B 41 1.19 2.63 9.79
C ALA B 41 1.30 4.14 9.61
N ARG B 42 0.44 4.72 8.77
CA ARG B 42 0.52 6.15 8.49
C ARG B 42 0.14 6.97 9.73
N ILE B 43 -0.82 6.46 10.51
CA ILE B 43 -1.13 7.10 11.79
C ILE B 43 0.13 7.18 12.66
N LEU B 44 0.89 6.08 12.73
CA LEU B 44 2.08 6.06 13.57
C LEU B 44 3.10 7.10 13.11
N THR B 45 3.36 7.19 11.80
CA THR B 45 4.37 8.17 11.36
C THR B 45 3.83 9.59 11.39
N HIS B 46 2.61 9.79 10.91
CA HIS B 46 2.14 11.15 10.68
C HIS B 46 1.61 11.79 11.97
N GLU B 47 0.92 11.04 12.82
CA GLU B 47 0.32 11.60 14.02
C GLU B 47 1.09 11.26 15.29
N ALA B 48 1.64 10.06 15.41
CA ALA B 48 2.32 9.70 16.64
C ALA B 48 3.82 9.99 16.63
N GLY B 49 4.38 10.39 15.49
CA GLY B 49 5.80 10.68 15.41
C GLY B 49 6.72 9.48 15.47
N ILE B 50 6.23 8.29 15.15
CA ILE B 50 7.03 7.08 15.28
C ILE B 50 7.95 6.93 14.08
N THR B 51 9.22 6.56 14.32
CA THR B 51 10.17 6.28 13.24
C THR B 51 10.76 4.87 13.28
N ASP B 52 10.58 4.13 14.37
CA ASP B 52 11.09 2.76 14.55
C ASP B 52 10.62 1.84 13.41
N ILE B 53 11.56 1.40 12.55
CA ILE B 53 11.15 0.64 11.36
C ILE B 53 10.48 -0.68 11.73
N VAL B 54 10.88 -1.30 12.85
CA VAL B 54 10.26 -2.56 13.28
C VAL B 54 8.79 -2.35 13.64
N VAL B 55 8.48 -1.24 14.34
CA VAL B 55 7.10 -0.95 14.67
C VAL B 55 6.30 -0.65 13.41
N LEU B 56 6.89 0.09 12.46
CA LEU B 56 6.15 0.41 11.25
C LEU B 56 5.91 -0.84 10.41
N GLN B 57 6.89 -1.74 10.31
CA GLN B 57 6.67 -2.99 9.56
C GLN B 57 5.57 -3.82 10.21
N ALA B 58 5.60 -3.93 11.54
CA ALA B 58 4.57 -4.66 12.26
C ALA B 58 3.20 -4.06 12.04
N ALA B 59 3.11 -2.72 11.96
CA ALA B 59 1.82 -2.09 11.66
C ALA B 59 1.31 -2.51 10.28
N LEU B 60 2.18 -2.48 9.27
CA LEU B 60 1.78 -2.93 7.94
C LEU B 60 1.39 -4.40 7.94
N LEU B 61 2.00 -5.21 8.79
CA LEU B 61 1.79 -6.66 8.79
C LEU B 61 0.79 -7.15 9.83
N HIS B 62 0.24 -6.25 10.68
CA HIS B 62 -0.40 -6.70 11.92
C HIS B 62 -1.65 -7.54 11.70
N ASP B 63 -2.22 -7.57 10.50
CA ASP B 63 -3.42 -8.36 10.21
C ASP B 63 -3.15 -9.54 9.30
N THR B 64 -1.90 -9.75 8.86
CA THR B 64 -1.61 -10.79 7.88
C THR B 64 -1.84 -12.18 8.47
N VAL B 65 -1.33 -12.43 9.68
CA VAL B 65 -1.48 -13.76 10.28
C VAL B 65 -2.90 -13.99 10.74
N GLU B 66 -3.52 -12.96 11.31
CA GLU B 66 -4.87 -13.13 11.85
C GLU B 66 -5.90 -13.43 10.77
N LYS B 67 -5.68 -12.94 9.54
CA LYS B 67 -6.71 -12.96 8.52
C LYS B 67 -6.38 -13.74 7.26
N THR B 68 -5.14 -14.16 7.07
CA THR B 68 -4.75 -14.86 5.83
C THR B 68 -4.02 -16.14 6.21
N ASP B 69 -3.53 -16.86 5.21
CA ASP B 69 -2.81 -18.10 5.50
C ASP B 69 -1.34 -17.89 5.90
N THR B 70 -0.92 -16.64 6.05
CA THR B 70 0.41 -16.31 6.55
C THR B 70 0.63 -16.83 7.97
N THR B 71 1.79 -17.43 8.20
CA THR B 71 2.12 -17.90 9.54
C THR B 71 3.11 -16.96 10.22
N LEU B 72 3.22 -17.10 11.55
CA LEU B 72 4.21 -16.30 12.27
C LEU B 72 5.62 -16.62 11.80
N ASP B 73 5.91 -17.91 11.55
CA ASP B 73 7.23 -18.28 11.06
C ASP B 73 7.52 -17.64 9.71
N GLU B 74 6.52 -17.57 8.85
CA GLU B 74 6.73 -16.91 7.56
C GLU B 74 7.05 -15.44 7.76
N VAL B 75 6.35 -14.78 8.70
CA VAL B 75 6.69 -13.39 9.02
C VAL B 75 8.12 -13.30 9.53
N GLU B 76 8.51 -14.23 10.41
CA GLU B 76 9.87 -14.20 10.96
C GLU B 76 10.92 -14.43 9.88
N LEU B 77 10.61 -15.32 8.93
CA LEU B 77 11.55 -15.63 7.86
C LEU B 77 11.81 -14.40 7.00
N HIS B 78 10.78 -13.63 6.71
CA HIS B 78 10.96 -12.47 5.83
C HIS B 78 11.28 -11.18 6.58
N PHE B 79 10.88 -11.04 7.84
CA PHE B 79 11.08 -9.76 8.52
C PHE B 79 11.83 -9.88 9.84
N GLY B 80 12.14 -11.08 10.29
CA GLY B 80 12.91 -11.26 11.50
C GLY B 80 12.06 -11.45 12.73
N ALA B 81 12.76 -11.78 13.83
CA ALA B 81 12.11 -12.19 15.07
C ALA B 81 11.43 -11.02 15.77
N GLN B 82 12.02 -9.82 15.72
CA GLN B 82 11.39 -8.69 16.39
C GLN B 82 10.04 -8.35 15.77
N VAL B 83 10.00 -8.23 14.44
CA VAL B 83 8.72 -7.99 13.78
C VAL B 83 7.74 -9.10 14.11
N ARG B 84 8.21 -10.35 14.05
CA ARG B 84 7.33 -11.49 14.34
C ARG B 84 6.75 -11.40 15.74
N ARG B 85 7.55 -10.97 16.72
CA ARG B 85 7.04 -10.89 18.10
C ARG B 85 5.97 -9.81 18.24
N LEU B 86 6.17 -8.64 17.63
CA LEU B 86 5.14 -7.60 17.65
C LEU B 86 3.85 -8.08 17.01
N VAL B 87 3.96 -8.71 15.84
CA VAL B 87 2.78 -9.20 15.14
C VAL B 87 2.08 -10.27 15.98
N GLU B 88 2.85 -11.18 16.60
CA GLU B 88 2.23 -12.17 17.47
C GLU B 88 1.46 -11.50 18.62
N GLU B 89 2.03 -10.46 19.22
CA GLU B 89 1.32 -9.74 20.30
C GLU B 89 -0.01 -9.17 19.83
N VAL B 90 -0.12 -8.75 18.57
CA VAL B 90 -1.34 -8.11 18.10
C VAL B 90 -2.24 -9.08 17.35
N THR B 91 -1.93 -10.36 17.34
CA THR B 91 -2.70 -11.35 16.60
C THR B 91 -3.69 -12.02 17.55
N ASP B 92 -4.98 -11.81 17.33
CA ASP B 92 -6.01 -12.52 18.08
C ASP B 92 -5.91 -14.02 17.82
N ASP B 93 -6.19 -14.79 18.86
CA ASP B 93 -6.23 -16.25 18.74
C ASP B 93 -7.58 -16.62 18.12
N LYS B 94 -7.57 -16.88 16.81
CA LYS B 94 -8.82 -17.16 16.11
C LYS B 94 -9.44 -18.50 16.49
N THR B 95 -8.74 -19.32 17.28
CA THR B 95 -9.30 -20.56 17.81
C THR B 95 -10.19 -20.32 19.03
N LEU B 96 -10.44 -19.06 19.42
CA LEU B 96 -11.28 -18.76 20.57
C LEU B 96 -12.53 -18.03 20.14
N PRO B 97 -13.65 -18.18 20.86
CA PRO B 97 -14.88 -17.48 20.48
C PRO B 97 -14.66 -15.97 20.49
N LYS B 98 -15.51 -15.26 19.76
CA LYS B 98 -15.32 -13.82 19.57
C LYS B 98 -15.34 -13.08 20.89
N LEU B 99 -16.25 -13.45 21.79
CA LEU B 99 -16.34 -12.78 23.09
C LEU B 99 -15.07 -12.98 23.92
N GLU B 100 -14.42 -14.15 23.80
CA GLU B 100 -13.16 -14.36 24.53
C GLU B 100 -12.02 -13.56 23.92
N ARG B 101 -11.96 -13.48 22.58
CA ARG B 101 -10.97 -12.65 21.93
C ARG B 101 -11.10 -11.19 22.37
N LYS B 102 -12.33 -10.70 22.54
CA LYS B 102 -12.51 -9.31 22.95
C LYS B 102 -12.11 -9.12 24.41
N ARG B 103 -12.43 -10.08 25.27
CA ARG B 103 -12.04 -9.99 26.67
C ARG B 103 -10.54 -9.98 26.80
N LEU B 104 -9.86 -10.92 26.13
CA LEU B 104 -8.42 -11.02 26.18
C LEU B 104 -7.75 -9.76 25.69
N GLN B 105 -8.35 -9.04 24.74
CA GLN B 105 -7.77 -7.77 24.33
C GLN B 105 -7.75 -6.80 25.50
N VAL B 106 -8.85 -6.74 26.25
CA VAL B 106 -8.91 -5.90 27.44
C VAL B 106 -7.84 -6.34 28.44
N GLU B 107 -7.78 -7.65 28.70
CA GLU B 107 -6.91 -8.16 29.76
C GLU B 107 -5.43 -8.01 29.40
N GLN B 108 -5.06 -8.25 28.15
CA GLN B 108 -3.66 -8.23 27.77
C GLN B 108 -3.10 -6.85 27.44
N ALA B 109 -3.95 -5.84 27.32
CA ALA B 109 -3.46 -4.52 26.92
C ALA B 109 -2.38 -3.96 27.84
N PRO B 110 -2.53 -3.90 29.18
CA PRO B 110 -1.48 -3.24 29.97
C PRO B 110 -0.13 -3.96 29.93
N HIS B 111 -0.12 -5.27 29.67
CA HIS B 111 1.12 -6.04 29.65
C HIS B 111 1.84 -6.05 28.29
N SER B 112 1.26 -5.46 27.25
CA SER B 112 1.89 -5.52 25.95
C SER B 112 3.19 -4.72 25.94
N SER B 113 4.09 -5.08 25.02
CA SER B 113 5.31 -4.32 24.85
C SER B 113 4.99 -2.91 24.36
N PRO B 114 5.91 -1.96 24.54
CA PRO B 114 5.65 -0.60 24.00
C PRO B 114 5.35 -0.61 22.50
N GLY B 115 6.06 -1.43 21.73
CA GLY B 115 5.81 -1.47 20.30
C GLY B 115 4.40 -1.94 19.98
N ALA B 116 3.94 -3.00 20.65
CA ALA B 116 2.61 -3.51 20.39
C ALA B 116 1.53 -2.53 20.87
N LYS B 117 1.79 -1.83 21.98
CA LYS B 117 0.85 -0.79 22.41
C LYS B 117 0.67 0.27 21.33
N LEU B 118 1.76 0.71 20.72
CA LEU B 118 1.66 1.69 19.63
C LEU B 118 0.81 1.14 18.48
N VAL B 119 1.05 -0.11 18.07
CA VAL B 119 0.26 -0.66 16.98
C VAL B 119 -1.19 -0.82 17.41
N LYS B 120 -1.41 -1.30 18.63
CA LYS B 120 -2.78 -1.49 19.12
C LYS B 120 -3.54 -0.18 19.18
N LEU B 121 -2.89 0.91 19.62
CA LEU B 121 -3.57 2.20 19.70
C LEU B 121 -3.93 2.73 18.31
N ALA B 122 -2.98 2.68 17.38
CA ALA B 122 -3.26 3.22 16.05
C ALA B 122 -4.29 2.36 15.32
N ASP B 123 -4.31 1.06 15.64
CA ASP B 123 -5.31 0.17 15.05
C ASP B 123 -6.71 0.54 15.52
N LYS B 124 -6.87 0.72 16.84
CA LYS B 124 -8.15 1.19 17.37
C LYS B 124 -8.52 2.56 16.78
N LEU B 125 -7.56 3.48 16.70
CA LEU B 125 -7.88 4.81 16.19
C LEU B 125 -8.39 4.75 14.75
N TYR B 126 -7.71 3.99 13.88
CA TYR B 126 -8.18 3.83 12.50
C TYR B 126 -9.59 3.25 12.48
N ASN B 127 -9.81 2.14 13.18
CA ASN B 127 -11.10 1.46 13.09
C ASN B 127 -12.22 2.33 13.64
N LEU B 128 -11.95 3.07 14.72
CA LEU B 128 -12.98 3.93 15.30
C LEU B 128 -13.30 5.11 14.37
N ARG B 129 -12.27 5.70 13.75
CA ARG B 129 -12.52 6.73 12.74
C ARG B 129 -13.34 6.19 11.58
N ASP B 130 -13.01 4.97 11.14
CA ASP B 130 -13.72 4.32 10.05
C ASP B 130 -15.20 4.15 10.39
N LEU B 131 -15.50 3.70 11.61
CA LEU B 131 -16.90 3.54 12.03
C LEU B 131 -17.64 4.86 12.00
N ASN B 132 -17.01 5.93 12.51
CA ASN B 132 -17.63 7.25 12.46
C ASN B 132 -17.80 7.74 11.03
N ARG B 133 -16.85 7.41 10.13
CA ARG B 133 -16.93 7.84 8.75
C ARG B 133 -18.06 7.16 7.99
N CYS B 134 -18.24 5.85 8.20
N CYS B 134 -18.14 5.82 8.09
CA CYS B 134 -19.28 5.11 7.48
CA CYS B 134 -19.22 5.04 7.49
C CYS B 134 -19.66 3.89 8.29
C CYS B 134 -19.62 3.95 8.46
N THR B 135 -20.91 3.84 8.73
CA THR B 135 -21.38 2.68 9.48
C THR B 135 -21.20 1.43 8.63
N PRO B 136 -20.58 0.36 9.14
CA PRO B 136 -20.50 -0.87 8.36
C PRO B 136 -21.89 -1.30 7.92
N GLU B 137 -21.95 -1.89 6.73
N GLU B 137 -21.97 -1.87 6.72
CA GLU B 137 -23.24 -2.30 6.20
CA GLU B 137 -23.27 -2.24 6.20
C GLU B 137 -23.86 -3.34 7.11
C GLU B 137 -23.89 -3.35 7.04
N GLY B 138 -25.13 -3.15 7.44
CA GLY B 138 -25.82 -4.04 8.33
C GLY B 138 -25.73 -3.69 9.80
N TRP B 139 -24.87 -2.75 10.19
CA TRP B 139 -24.72 -2.39 11.61
C TRP B 139 -25.74 -1.34 12.00
N SER B 140 -26.35 -1.52 13.16
CA SER B 140 -27.12 -0.46 13.79
C SER B 140 -26.19 0.50 14.51
N GLU B 141 -26.72 1.67 14.90
CA GLU B 141 -25.95 2.57 15.75
C GLU B 141 -25.68 1.94 17.11
N HIS B 142 -26.60 1.12 17.61
CA HIS B 142 -26.36 0.40 18.85
C HIS B 142 -25.12 -0.49 18.76
N ARG B 143 -24.93 -1.18 17.63
CA ARG B 143 -23.75 -2.02 17.47
C ARG B 143 -22.48 -1.18 17.40
N VAL B 144 -22.52 -0.04 16.69
CA VAL B 144 -21.37 0.87 16.65
C VAL B 144 -21.03 1.34 18.07
N GLN B 145 -22.03 1.79 18.84
CA GLN B 145 -21.78 2.23 20.20
C GLN B 145 -21.16 1.13 21.05
N GLU B 146 -21.67 -0.10 20.92
CA GLU B 146 -21.12 -1.20 21.71
C GLU B 146 -19.66 -1.44 21.37
N TYR B 147 -19.30 -1.31 20.10
CA TYR B 147 -17.90 -1.46 19.71
C TYR B 147 -17.04 -0.41 20.37
N PHE B 148 -17.51 0.84 20.39
CA PHE B 148 -16.75 1.91 21.05
C PHE B 148 -16.62 1.64 22.55
N GLU B 149 -17.66 1.10 23.16
CA GLU B 149 -17.61 0.80 24.58
C GLU B 149 -16.56 -0.27 24.88
N TRP B 150 -16.47 -1.29 24.02
CA TRP B 150 -15.43 -2.29 24.20
C TRP B 150 -14.05 -1.70 23.94
N ALA B 151 -13.91 -0.95 22.85
CA ALA B 151 -12.64 -0.34 22.49
C ALA B 151 -12.12 0.56 23.60
N ALA B 152 -13.01 1.27 24.30
CA ALA B 152 -12.58 2.09 25.43
C ALA B 152 -11.96 1.23 26.52
N GLN B 153 -12.54 0.06 26.80
N GLN B 153 -12.52 0.05 26.80
CA GLN B 153 -11.96 -0.85 27.79
CA GLN B 153 -11.94 -0.82 27.81
C GLN B 153 -10.54 -1.25 27.40
C GLN B 153 -10.53 -1.27 27.40
N VAL B 154 -10.31 -1.50 26.11
CA VAL B 154 -8.97 -1.87 25.65
C VAL B 154 -8.02 -0.68 25.76
N VAL B 155 -8.45 0.48 25.25
CA VAL B 155 -7.57 1.64 25.22
C VAL B 155 -7.16 2.08 26.62
N LYS B 156 -8.03 1.87 27.62
CA LYS B 156 -7.67 2.22 29.00
C LYS B 156 -6.38 1.53 29.42
N GLY B 157 -6.20 0.27 29.03
CA GLY B 157 -4.98 -0.45 29.38
C GLY B 157 -3.75 -0.02 28.61
N LEU B 158 -3.92 0.73 27.52
CA LEU B 158 -2.84 1.10 26.62
C LEU B 158 -2.27 2.47 26.92
N GLN B 159 -2.82 3.17 27.90
CA GLN B 159 -2.48 4.56 28.11
C GLN B 159 -1.06 4.70 28.66
N GLY B 160 -0.53 5.91 28.54
CA GLY B 160 0.84 6.20 28.91
C GLY B 160 1.85 5.90 27.83
N THR B 161 1.39 5.63 26.60
CA THR B 161 2.25 5.18 25.51
C THR B 161 2.56 6.28 24.52
N ASN B 162 1.53 6.97 24.04
CA ASN B 162 1.79 8.12 23.20
C ASN B 162 0.65 9.09 23.44
N ARG B 163 1.02 10.35 23.61
CA ARG B 163 0.03 11.36 23.97
C ARG B 163 -0.84 11.68 22.78
N GLN B 164 -0.25 11.83 21.60
CA GLN B 164 -1.03 12.24 20.43
C GLN B 164 -2.10 11.20 20.11
N LEU B 165 -1.75 9.92 20.12
CA LEU B 165 -2.75 8.90 19.84
C LEU B 165 -3.81 8.87 20.92
N GLU B 166 -3.39 9.01 22.17
CA GLU B 166 -4.33 8.89 23.27
C GLU B 166 -5.27 10.08 23.34
N GLU B 167 -4.81 11.27 22.96
CA GLU B 167 -5.71 12.42 22.91
C GLU B 167 -6.73 12.26 21.80
N ALA B 168 -6.29 11.78 20.63
CA ALA B 168 -7.23 11.59 19.52
C ALA B 168 -8.33 10.62 19.92
N LEU B 169 -7.95 9.53 20.58
CA LEU B 169 -8.91 8.52 21.00
C LEU B 169 -9.88 9.09 22.04
N LYS B 170 -9.36 9.89 22.97
CA LYS B 170 -10.23 10.51 23.99
C LYS B 170 -11.29 11.39 23.36
N HIS B 171 -10.93 12.16 22.33
CA HIS B 171 -11.92 12.98 21.65
C HIS B 171 -13.05 12.11 21.09
N LEU B 172 -12.71 10.99 20.44
CA LEU B 172 -13.77 10.14 19.89
C LEU B 172 -14.64 9.51 20.97
N PHE B 173 -14.01 9.04 22.05
CA PHE B 173 -14.77 8.44 23.12
C PHE B 173 -15.67 9.45 23.81
N LYS B 174 -15.20 10.70 23.90
CA LYS B 174 -15.96 11.69 24.66
C LYS B 174 -17.24 12.05 23.94
N GLN B 175 -17.25 11.99 22.61
CA GLN B 175 -18.49 12.24 21.88
C GLN B 175 -19.54 11.17 22.10
N ARG B 176 -19.17 10.04 22.69
CA ARG B 176 -20.13 8.97 22.93
C ARG B 176 -20.28 8.67 24.42
N GLY B 177 -20.01 9.66 25.27
CA GLY B 177 -20.20 9.50 26.70
C GLY B 177 -19.25 8.52 27.35
N LEU B 178 -18.08 8.28 26.75
CA LEU B 178 -17.10 7.33 27.28
C LEU B 178 -15.86 8.09 27.73
N THR B 179 -15.30 7.68 28.86
CA THR B 179 -14.19 8.39 29.50
C THR B 179 -12.97 7.48 29.60
N ILE B 180 -11.79 8.09 29.43
CA ILE B 180 -10.46 7.46 29.53
C ILE B 180 -10.16 6.59 28.32
ZN ZN C . 1.45 1.91 -13.52
PA NDP D . -4.55 -1.55 -22.80
O1A NDP D . -3.93 -2.48 -23.81
O2A NDP D . -4.04 -0.14 -22.63
O5B NDP D . -4.52 -2.27 -21.36
C5B NDP D . -3.27 -2.58 -20.75
C4B NDP D . -3.04 -1.60 -19.60
O4B NDP D . -3.94 -1.90 -18.52
C3B NDP D . -1.65 -1.72 -18.99
O3B NDP D . -0.72 -0.82 -19.61
C2B NDP D . -1.87 -1.36 -17.53
O2B NDP D . -1.80 0.04 -17.44
C1B NDP D . -3.33 -1.69 -17.23
N9A NDP D . -3.60 -2.95 -16.50
C8A NDP D . -4.65 -3.14 -15.66
N7A NDP D . -4.68 -4.42 -15.18
C5A NDP D . -3.66 -5.07 -15.75
C6A NDP D . -3.11 -6.43 -15.68
N6A NDP D . -3.68 -7.39 -14.91
N1A NDP D . -2.01 -6.70 -16.42
C2A NDP D . -1.41 -5.78 -17.19
N3A NDP D . -1.85 -4.53 -17.30
C4A NDP D . -2.95 -4.10 -16.61
O3 NDP D . -6.12 -1.38 -23.12
PN NDP D . -6.55 0.03 -23.78
O1N NDP D . -5.71 1.12 -23.17
O2N NDP D . -8.06 0.09 -23.75
O5D NDP D . -6.07 -0.10 -25.31
C5D NDP D . -6.26 -1.31 -26.01
C4D NDP D . -5.05 -1.55 -26.91
O4D NDP D . -4.96 -2.94 -27.21
C3D NDP D . -5.16 -0.79 -28.21
O3D NDP D . -3.92 -0.11 -28.41
C2D NDP D . -5.38 -1.85 -29.28
O2D NDP D . -4.58 -1.60 -30.45
C1D NDP D . -4.98 -3.16 -28.62
N1N NDP D . -5.97 -4.21 -28.87
C2N NDP D . -5.56 -5.41 -29.26
C3N NDP D . -6.45 -6.45 -29.51
C7N NDP D . -5.92 -7.78 -29.96
O7N NDP D . -6.61 -8.77 -29.83
N7N NDP D . -4.70 -7.82 -30.48
C4N NDP D . -7.94 -6.26 -29.32
C5N NDP D . -8.25 -4.90 -28.89
C6N NDP D . -7.27 -3.95 -28.67
P2B NDP D . -1.35 0.76 -16.06
O1X NDP D . 0.09 0.43 -15.77
O2X NDP D . -1.45 2.26 -16.29
O3X NDP D . -2.25 0.28 -14.94
C1 EDO E . -0.24 16.75 3.74
O1 EDO E . 0.60 15.69 3.30
C2 EDO E . -0.82 16.43 5.12
O2 EDO E . -2.11 15.83 4.98
C1 EDO F . -6.13 12.83 -16.27
O1 EDO F . -7.03 11.82 -15.79
C2 EDO F . -5.14 12.20 -17.24
O2 EDO F . -4.24 13.19 -17.73
C1 BME G . -5.68 -16.35 -11.43
C2 BME G . -5.70 -16.74 -12.90
O1 BME G . -7.00 -16.18 -10.97
S2 BME G . -4.19 -16.17 -13.74
NA NA H . -4.11 1.98 -21.88
ZN ZN I . -5.96 -3.89 12.04
PA NDP J . -16.64 -7.27 14.87
O1A NDP J . -17.02 -7.07 16.31
O2A NDP J . -17.63 -7.93 13.94
O5B NDP J . -16.20 -5.79 14.35
C5B NDP J . -15.70 -5.47 13.06
C4B NDP J . -14.18 -5.62 12.96
O4B NDP J . -13.97 -5.78 11.56
C3B NDP J . -13.35 -4.41 13.35
O3B NDP J . -12.76 -4.51 14.65
C2B NDP J . -12.25 -4.43 12.31
O2B NDP J . -11.32 -5.41 12.77
C1B NDP J . -12.87 -5.02 11.07
N9A NDP J . -13.44 -4.04 10.11
C8A NDP J . -13.66 -4.29 8.79
N7A NDP J . -14.22 -3.22 8.17
C5A NDP J . -14.34 -2.26 9.09
C6A NDP J . -14.86 -0.88 9.10
N6A NDP J . -15.33 -0.36 7.95
N1A NDP J . -14.84 -0.19 10.26
C2A NDP J . -14.36 -0.72 11.39
N3A NDP J . -13.88 -1.98 11.45
C4A NDP J . -13.85 -2.79 10.37
O3 NDP J . -15.20 -8.01 14.87
PN NDP J . -15.01 -9.60 14.70
O1N NDP J . -16.12 -10.28 15.48
O2N NDP J . -13.55 -9.89 15.01
O5D NDP J . -15.23 -9.82 13.12
P2B NDP J . -9.80 -5.48 12.27
O1X NDP J . -9.16 -6.64 13.00
O2X NDP J . -8.99 -4.23 12.59
O3X NDP J . -9.80 -5.72 10.76
C1 EDO K . -12.32 -9.57 4.77
O1 EDO K . -11.31 -9.52 5.79
C2 EDO K . -12.26 -10.92 4.04
O2 EDO K . -12.22 -11.98 4.99
C1 BME L . -20.75 5.44 2.01
C1 BME L . -20.55 5.48 2.16
C2 BME L . -19.76 6.42 2.63
C2 BME L . -19.53 6.48 2.68
O1 BME L . -20.66 5.49 0.60
O1 BME L . -20.52 5.43 0.75
S2 BME L . -20.14 6.69 4.37
S2 BME L . -19.67 6.72 4.46
C TRS M . -12.35 14.19 13.20
C1 TRS M . -11.47 14.40 11.96
C2 TRS M . -13.80 14.44 12.83
C3 TRS M . -11.99 15.13 14.34
N TRS M . -12.23 12.80 13.66
O1 TRS M . -10.59 13.31 11.76
O2 TRS M . -14.08 13.95 11.54
O3 TRS M . -10.59 15.27 14.47
#